data_4OPJ
#
_entry.id   4OPJ
#
_cell.length_a   42.387
_cell.length_b   47.501
_cell.length_c   55.216
_cell.angle_alpha   100.87
_cell.angle_beta   101.77
_cell.angle_gamma   89.75
#
_symmetry.space_group_name_H-M   'P 1'
#
loop_
_entity.id
_entity.type
_entity.pdbx_description
1 polymer "5'-D(*CP*GP*CP*GP*AP*(TCY)P*TP*TP*CP*GP*CP*G)-3'"
2 polymer 'Ribonuclease H'
3 non-polymer GLYCEROL
4 water water
#
loop_
_entity_poly.entity_id
_entity_poly.type
_entity_poly.pdbx_seq_one_letter_code
_entity_poly.pdbx_strand_id
1 'polydeoxyribonucleotide' (DC)(DG)(DC)(DG)(DA)(TCY)(DT)(DT)(DC)(DG)(DC)(DG) B,D
2 'polypeptide(L)'
;GSHMAKEEIIWESLSVDVGSQGNPGIVEYKGVDTKTGEVLFEREPIPIGTNNMGEFLAIVHGLRYLKERNSRKPIYSNSQ
TAIKWVKDKKAKSTLVRNEETALIWKLVDEAEEWLNTHTYETPILKWQTDKWGEIKADYGRK
;
A,C
#
loop_
_chem_comp.id
_chem_comp.type
_chem_comp.name
_chem_comp.formula
DA DNA linking 2'-DEOXYADENOSINE-5'-MONOPHOSPHATE 'C10 H14 N5 O6 P'
DC DNA linking 2'-DEOXYCYTIDINE-5'-MONOPHOSPHATE 'C9 H14 N3 O7 P'
DG DNA linking 2'-DEOXYGUANOSINE-5'-MONOPHOSPHATE 'C10 H14 N5 O7 P'
DT DNA linking THYMIDINE-5'-MONOPHOSPHATE 'C10 H15 N2 O8 P'
GOL non-polymer GLYCEROL 'C3 H8 O3'
TCY DNA linking '(2R,3aS,4aR,5aR,5bS)-2-(6-amino-9H-purin-9-yl)-3a-hydroxyhexahydrocyclopropa[4,5]cyclopenta[1,2-b]furan-5a(4H)-yl dihydrogen phosphate' 'C13 H16 N5 O6 P'
#
# COMPACT_ATOMS: atom_id res chain seq x y z
O1P TCY A 6 -10.32 -4.02 -9.72
P TCY A 6 -11.17 -2.81 -9.70
O2P TCY A 6 -10.56 -1.50 -9.40
C8' TCY A 6 -10.60 -3.07 -13.12
O5' TCY A 6 -11.98 -2.51 -11.08
C5' TCY A 6 -11.81 -3.35 -12.25
C6' TCY A 6 -12.01 -2.68 -13.58
C4' TCY A 6 -12.42 -4.71 -12.20
C3' TCY A 6 -12.61 -4.98 -13.68
C7' TCY A 6 -12.64 -3.69 -14.50
O3' TCY A 6 -11.54 -5.93 -13.88
C2' TCY A 6 -13.99 -5.58 -13.79
C1' TCY A 6 -14.74 -5.14 -12.50
O4' TCY A 6 -13.72 -4.65 -11.58
N9 TCY A 6 -15.67 -3.99 -12.71
C4 TCY A 6 -16.89 -4.09 -13.23
N3 TCY A 6 -17.55 -5.18 -13.72
C2 TCY A 6 -18.76 -4.97 -14.23
N1 TCY A 6 -19.34 -3.79 -14.15
C6 TCY A 6 -18.77 -2.70 -13.68
N6 TCY A 6 -19.48 -1.56 -13.70
C5 TCY A 6 -17.48 -2.82 -13.23
N7 TCY A 6 -16.56 -1.97 -12.68
C8 TCY A 6 -15.46 -2.71 -12.37
O1P TCY B 6 3.68 -13.12 0.32
P TCY B 6 4.54 -12.36 1.26
O2P TCY B 6 3.95 -11.19 2.00
C8' TCY B 6 4.07 -15.40 2.93
O5' TCY B 6 5.27 -13.29 2.36
C5' TCY B 6 5.25 -14.73 2.30
C6' TCY B 6 5.44 -15.38 3.61
C4' TCY B 6 6.02 -15.42 1.21
C3' TCY B 6 6.19 -16.79 1.86
C7' TCY B 6 6.28 -16.60 3.37
O3' TCY B 6 5.02 -17.56 1.52
O3' TCY B 6 5.04 -17.63 1.49
C2' TCY B 6 7.60 -17.18 1.40
C1' TCY B 6 8.33 -15.84 1.35
O4' TCY B 6 7.32 -14.83 1.16
N9 TCY B 6 9.28 -15.30 2.38
C4 TCY B 6 10.51 -15.76 2.57
N3 TCY B 6 11.17 -16.81 1.96
C2 TCY B 6 12.42 -17.06 2.37
N1 TCY B 6 13.11 -16.28 3.24
C6 TCY B 6 12.46 -15.26 3.84
N6 TCY B 6 13.16 -14.53 4.74
C5 TCY B 6 11.13 -14.97 3.53
N7 TCY B 6 10.22 -14.02 3.94
C8 TCY B 6 9.09 -14.22 3.21
N GLU C 8 -3.92 -24.99 -1.19
CA GLU C 8 -2.83 -24.13 -0.65
C GLU C 8 -3.48 -23.14 0.31
N ILE C 9 -4.18 -23.70 1.27
CA ILE C 9 -4.67 -22.96 2.39
C ILE C 9 -3.57 -22.94 3.45
N ILE C 10 -3.38 -21.78 4.11
CA ILE C 10 -2.47 -21.73 5.24
C ILE C 10 -3.35 -21.88 6.48
N TRP C 11 -3.37 -23.08 7.06
CA TRP C 11 -4.24 -23.33 8.24
C TRP C 11 -3.90 -22.53 9.46
N GLU C 12 -2.59 -22.28 9.66
CA GLU C 12 -2.14 -21.42 10.77
C GLU C 12 -2.35 -19.93 10.38
N SER C 13 -3.59 -19.43 10.51
CA SER C 13 -3.92 -18.11 10.04
C SER C 13 -5.07 -17.56 10.81
N LEU C 14 -5.37 -16.30 10.54
CA LEU C 14 -6.54 -15.59 11.10
C LEU C 14 -7.54 -15.34 9.98
N SER C 15 -8.78 -15.72 10.16
CA SER C 15 -9.84 -15.44 9.21
C SER C 15 -10.76 -14.37 9.75
N VAL C 16 -11.12 -13.37 8.95
CA VAL C 16 -12.05 -12.34 9.41
C VAL C 16 -13.30 -12.36 8.62
N ASP C 17 -14.44 -12.09 9.22
CA ASP C 17 -15.65 -12.00 8.40
C ASP C 17 -16.64 -11.05 9.03
N VAL C 18 -17.48 -10.48 8.18
CA VAL C 18 -18.42 -9.42 8.52
C VAL C 18 -19.76 -10.09 8.37
N GLY C 19 -20.68 -9.73 9.25
CA GLY C 19 -22.09 -10.12 9.21
C GLY C 19 -22.88 -8.83 9.02
N SER C 20 -23.92 -8.88 8.20
CA SER C 20 -24.70 -7.69 7.76
C SER C 20 -26.16 -8.10 7.90
N GLN C 21 -27.00 -7.19 8.41
CA GLN C 21 -28.47 -7.34 8.33
C GLN C 21 -28.99 -6.14 7.55
N GLY C 22 -28.92 -6.21 6.21
CA GLY C 22 -29.18 -5.06 5.36
C GLY C 22 -27.81 -4.53 4.97
N ASN C 23 -27.76 -3.87 3.81
CA ASN C 23 -26.51 -3.23 3.33
C ASN C 23 -26.97 -2.03 2.52
N PRO C 24 -26.92 -0.78 3.08
CA PRO C 24 -26.43 -0.47 4.43
C PRO C 24 -27.41 -1.00 5.50
N GLY C 25 -26.82 -1.31 6.65
CA GLY C 25 -27.61 -1.84 7.78
C GLY C 25 -26.72 -2.16 8.93
N ILE C 26 -27.23 -2.99 9.83
CA ILE C 26 -26.47 -3.39 11.01
C ILE C 26 -25.29 -4.28 10.56
N VAL C 27 -24.08 -3.95 11.03
CA VAL C 27 -22.90 -4.76 10.71
C VAL C 27 -22.11 -5.12 11.95
N GLU C 28 -21.53 -6.31 11.96
CA GLU C 28 -20.67 -6.75 12.99
C GLU C 28 -19.54 -7.55 12.40
N TYR C 29 -18.50 -7.87 13.13
CA TYR C 29 -17.44 -8.69 12.56
C TYR C 29 -16.72 -9.46 13.60
N LYS C 30 -15.96 -10.42 13.16
CA LYS C 30 -15.13 -11.15 14.05
C LYS C 30 -13.93 -11.73 13.43
N GLY C 31 -12.94 -12.06 14.26
CA GLY C 31 -11.73 -12.78 13.71
C GLY C 31 -11.58 -14.08 14.43
N VAL C 32 -11.33 -15.13 13.70
CA VAL C 32 -11.22 -16.50 14.26
C VAL C 32 -9.93 -17.18 13.79
N ASP C 33 -9.42 -18.09 14.60
CA ASP C 33 -8.35 -19.03 14.22
C ASP C 33 -8.91 -19.93 13.07
N THR C 34 -8.27 -19.90 11.86
CA THR C 34 -8.78 -20.60 10.75
C THR C 34 -8.88 -22.14 11.02
N LYS C 35 -7.95 -22.71 11.79
CA LYS C 35 -7.93 -24.11 12.11
C LYS C 35 -9.00 -24.52 13.12
N THR C 36 -9.07 -23.78 14.23
CA THR C 36 -9.83 -24.26 15.39
C THR C 36 -11.18 -23.60 15.47
N GLY C 37 -11.31 -22.43 14.82
CA GLY C 37 -12.55 -21.63 14.89
C GLY C 37 -12.66 -20.77 16.16
N GLU C 38 -11.69 -20.87 17.09
CA GLU C 38 -11.69 -20.06 18.32
C GLU C 38 -11.85 -18.59 17.93
N VAL C 39 -12.81 -17.91 18.55
CA VAL C 39 -12.97 -16.49 18.40
C VAL C 39 -11.87 -15.68 19.10
N LEU C 40 -11.08 -14.98 18.31
CA LEU C 40 -9.96 -14.21 18.84
C LEU C 40 -10.37 -12.76 19.13
N PHE C 41 -11.32 -12.21 18.36
CA PHE C 41 -11.89 -10.90 18.68
C PHE C 41 -13.23 -10.82 18.02
N GLU C 42 -14.07 -9.90 18.53
CA GLU C 42 -15.37 -9.74 17.94
C GLU C 42 -15.84 -8.34 18.23
N ARG C 43 -16.58 -7.77 17.32
CA ARG C 43 -17.13 -6.48 17.46
C ARG C 43 -18.64 -6.60 17.45
N GLU C 44 -19.28 -6.09 18.50
CA GLU C 44 -20.74 -6.18 18.55
C GLU C 44 -21.39 -5.28 17.53
N PRO C 45 -22.66 -5.56 17.21
CA PRO C 45 -23.29 -4.81 16.10
C PRO C 45 -23.20 -3.28 16.12
N ILE C 46 -22.91 -2.71 14.97
CA ILE C 46 -22.93 -1.26 14.75
C ILE C 46 -24.21 -0.96 13.96
N PRO C 47 -25.02 0.02 14.44
CA PRO C 47 -26.33 0.08 13.83
C PRO C 47 -26.41 0.41 12.36
N ILE C 48 -25.45 1.17 11.84
CA ILE C 48 -25.52 1.41 10.38
C ILE C 48 -24.11 1.35 9.82
N GLY C 49 -23.87 0.45 8.90
CA GLY C 49 -22.55 0.52 8.09
C GLY C 49 -22.81 -0.25 6.80
N THR C 50 -21.71 -0.62 6.15
CA THR C 50 -21.82 -1.41 4.93
C THR C 50 -20.93 -2.65 5.11
N ASN C 51 -21.15 -3.69 4.28
CA ASN C 51 -20.26 -4.85 4.37
C ASN C 51 -18.78 -4.50 4.11
N ASN C 52 -18.60 -3.66 3.10
CA ASN C 52 -17.19 -3.28 2.76
C ASN C 52 -16.50 -2.50 3.87
N MET C 53 -17.26 -1.61 4.55
CA MET C 53 -16.68 -0.85 5.68
C MET C 53 -16.41 -1.81 6.86
N GLY C 54 -17.34 -2.74 7.12
CA GLY C 54 -17.09 -3.68 8.22
C GLY C 54 -15.93 -4.61 7.96
N GLU C 55 -15.73 -5.00 6.64
CA GLU C 55 -14.60 -5.87 6.29
C GLU C 55 -13.27 -5.10 6.41
N PHE C 56 -13.29 -3.85 6.03
CA PHE C 56 -12.16 -3.00 6.22
C PHE C 56 -11.76 -2.87 7.69
N LEU C 57 -12.75 -2.66 8.57
CA LEU C 57 -12.39 -2.57 9.93
C LEU C 57 -11.91 -3.91 10.49
N ALA C 58 -12.53 -5.04 10.09
CA ALA C 58 -12.12 -6.33 10.51
C ALA C 58 -10.68 -6.70 10.16
N ILE C 59 -10.29 -6.37 8.89
CA ILE C 59 -8.93 -6.68 8.55
C ILE C 59 -7.94 -5.81 9.31
N VAL C 60 -8.26 -4.53 9.50
CA VAL C 60 -7.30 -3.65 10.23
C VAL C 60 -7.24 -4.10 11.74
N HIS C 61 -8.43 -4.48 12.26
CA HIS C 61 -8.38 -5.00 13.64
C HIS C 61 -7.48 -6.23 13.72
N GLY C 62 -7.55 -7.13 12.68
CA GLY C 62 -6.73 -8.33 12.62
C GLY C 62 -5.24 -7.92 12.51
N LEU C 63 -4.94 -6.90 11.70
CA LEU C 63 -3.55 -6.48 11.58
C LEU C 63 -2.99 -5.99 12.91
N ARG C 64 -3.84 -5.23 13.64
CA ARG C 64 -3.43 -4.70 14.93
C ARG C 64 -3.24 -5.83 15.99
N TYR C 65 -4.14 -6.80 15.96
CA TYR C 65 -4.12 -7.93 16.86
C TYR C 65 -2.83 -8.77 16.64
N LEU C 66 -2.49 -9.02 15.36
CA LEU C 66 -1.29 -9.85 15.08
C LEU C 66 -0.01 -9.10 15.33
N LYS C 67 -0.02 -7.81 15.01
CA LYS C 67 1.15 -6.96 15.22
C LYS C 67 1.56 -6.93 16.73
N GLU C 68 0.54 -6.72 17.57
CA GLU C 68 0.70 -6.75 19.06
C GLU C 68 1.40 -8.01 19.51
N ARG C 69 1.15 -9.11 18.80
CA ARG C 69 1.66 -10.44 19.19
C ARG C 69 2.89 -10.85 18.45
N ASN C 70 3.39 -9.98 17.59
CA ASN C 70 4.53 -10.33 16.70
C ASN C 70 4.23 -11.59 15.85
N SER C 71 2.94 -11.82 15.55
CA SER C 71 2.57 -12.99 14.79
C SER C 71 2.99 -12.94 13.31
N ARG C 72 3.40 -14.09 12.79
CA ARG C 72 3.64 -14.22 11.31
C ARG C 72 2.47 -14.81 10.60
N LYS C 73 1.34 -15.00 11.26
CA LYS C 73 0.23 -15.59 10.58
C LYS C 73 -0.36 -14.64 9.53
N PRO C 74 -0.82 -15.19 8.36
CA PRO C 74 -1.56 -14.36 7.51
C PRO C 74 -3.04 -14.11 7.90
N ILE C 75 -3.69 -13.16 7.24
CA ILE C 75 -5.12 -12.88 7.41
C ILE C 75 -5.83 -13.30 6.15
N TYR C 76 -6.97 -14.00 6.28
CA TYR C 76 -7.89 -14.30 5.17
C TYR C 76 -9.15 -13.49 5.25
N SER C 77 -9.63 -12.97 4.13
CA SER C 77 -10.87 -12.27 4.01
C SER C 77 -11.48 -12.69 2.74
N ASN C 78 -12.80 -12.82 2.70
CA ASN C 78 -13.45 -13.12 1.40
C ASN C 78 -13.81 -11.87 0.58
N SER C 79 -13.31 -10.68 0.96
CA SER C 79 -13.75 -9.44 0.29
C SER C 79 -12.57 -8.84 -0.50
N GLN C 80 -12.58 -9.08 -1.85
CA GLN C 80 -11.53 -8.49 -2.69
C GLN C 80 -11.51 -6.97 -2.55
N THR C 81 -12.69 -6.34 -2.39
CA THR C 81 -12.72 -4.90 -2.28
C THR C 81 -11.96 -4.39 -1.06
N ALA C 82 -12.41 -4.95 0.16
CA ALA C 82 -11.75 -4.51 1.34
C ALA C 82 -10.25 -4.75 1.40
N ILE C 83 -9.83 -5.88 0.84
CA ILE C 83 -8.35 -6.18 0.81
C ILE C 83 -7.69 -5.03 0.01
N LYS C 84 -8.32 -4.70 -1.12
CA LYS C 84 -7.75 -3.57 -1.99
C LYS C 84 -7.68 -2.24 -1.22
N TRP C 85 -8.74 -1.91 -0.46
CA TRP C 85 -8.73 -0.72 0.33
C TRP C 85 -7.68 -0.72 1.40
N VAL C 86 -7.50 -1.85 2.07
CA VAL C 86 -6.42 -1.89 3.09
C VAL C 86 -5.02 -1.69 2.43
N LYS C 87 -4.82 -2.41 1.37
CA LYS C 87 -3.48 -2.24 0.68
C LYS C 87 -3.27 -0.80 0.17
N ASP C 88 -4.32 -0.17 -0.31
CA ASP C 88 -4.30 1.23 -0.69
C ASP C 88 -4.28 2.26 0.44
N LYS C 89 -4.62 1.81 1.65
CA LYS C 89 -4.69 2.66 2.85
C LYS C 89 -5.82 3.71 2.72
N LYS C 90 -6.86 3.33 1.99
CA LYS C 90 -7.98 4.24 1.75
C LYS C 90 -9.28 3.49 1.50
N ALA C 91 -10.27 3.75 2.36
CA ALA C 91 -11.55 3.08 2.18
C ALA C 91 -12.45 3.94 1.35
N LYS C 92 -12.71 3.55 0.13
CA LYS C 92 -13.54 4.32 -0.75
C LYS C 92 -15.02 4.03 -0.67
N SER C 93 -15.58 4.14 0.51
CA SER C 93 -17.02 3.89 0.62
C SER C 93 -17.89 5.05 0.17
N THR C 94 -19.08 4.73 -0.35
CA THR C 94 -19.99 5.72 -0.83
C THR C 94 -21.05 6.02 0.25
N LEU C 95 -20.90 5.41 1.43
CA LEU C 95 -21.90 5.61 2.54
C LEU C 95 -21.99 7.09 2.91
N VAL C 96 -23.19 7.67 2.89
CA VAL C 96 -23.37 9.10 3.28
C VAL C 96 -22.73 9.34 4.68
N ARG C 97 -22.12 10.52 4.86
CA ARG C 97 -21.68 11.02 6.15
C ARG C 97 -22.80 11.83 6.81
N ASN C 98 -23.48 11.22 7.77
CA ASN C 98 -24.47 11.94 8.60
C ASN C 98 -24.41 11.50 10.07
N GLU C 99 -25.25 11.98 10.98
CA GLU C 99 -25.13 11.54 12.39
C GLU C 99 -25.40 10.05 12.66
N GLU C 100 -26.28 9.48 11.86
CA GLU C 100 -26.53 8.07 11.88
C GLU C 100 -25.28 7.25 11.48
N THR C 101 -24.44 7.77 10.60
CA THR C 101 -23.30 6.96 10.13
C THR C 101 -21.97 7.47 10.75
N ALA C 102 -22.06 8.44 11.67
CA ALA C 102 -20.90 9.04 12.31
C ALA C 102 -19.97 8.02 12.97
N LEU C 103 -20.56 7.01 13.65
CA LEU C 103 -19.75 6.01 14.38
C LEU C 103 -18.91 5.21 13.38
N ILE C 104 -19.57 4.58 12.40
CA ILE C 104 -18.80 3.71 11.48
C ILE C 104 -17.75 4.56 10.72
N TRP C 105 -18.11 5.77 10.33
CA TRP C 105 -17.12 6.67 9.65
C TRP C 105 -15.95 7.03 10.54
N LYS C 106 -16.26 7.29 11.83
CA LYS C 106 -15.16 7.57 12.78
C LYS C 106 -14.19 6.39 12.84
N LEU C 107 -14.72 5.17 12.97
CA LEU C 107 -13.88 3.99 13.15
C LEU C 107 -13.08 3.79 11.79
N VAL C 108 -13.74 4.00 10.67
CA VAL C 108 -12.99 3.79 9.36
C VAL C 108 -11.89 4.84 9.19
N ASP C 109 -12.20 6.08 9.49
CA ASP C 109 -11.20 7.18 9.45
C ASP C 109 -10.04 6.81 10.37
N GLU C 110 -10.34 6.27 11.61
CA GLU C 110 -9.23 5.94 12.45
C GLU C 110 -8.41 4.72 11.99
N ALA C 111 -9.07 3.74 11.38
CA ALA C 111 -8.40 2.57 10.83
C ALA C 111 -7.46 3.07 9.69
N GLU C 112 -7.94 4.00 8.89
CA GLU C 112 -7.06 4.56 7.73
C GLU C 112 -5.86 5.26 8.35
N GLU C 113 -6.08 5.99 9.42
CA GLU C 113 -5.00 6.64 10.12
C GLU C 113 -4.00 5.66 10.68
N TRP C 114 -4.47 4.59 11.27
CA TRP C 114 -3.57 3.51 11.76
C TRP C 114 -2.67 2.98 10.62
N LEU C 115 -3.32 2.71 9.50
CA LEU C 115 -2.52 2.16 8.29
C LEU C 115 -1.49 3.17 7.79
N ASN C 116 -1.84 4.44 7.88
CA ASN C 116 -0.96 5.55 7.43
C ASN C 116 0.23 5.83 8.39
N THR C 117 0.19 5.28 9.60
CA THR C 117 1.17 5.58 10.60
C THR C 117 1.90 4.35 11.12
N HIS C 118 1.51 3.16 10.67
CA HIS C 118 2.17 1.89 11.05
C HIS C 118 2.62 1.07 9.86
N THR C 119 3.62 0.20 10.06
CA THR C 119 3.89 -0.81 9.02
C THR C 119 3.53 -2.19 9.61
N TYR C 120 3.43 -3.19 8.77
CA TYR C 120 3.08 -4.53 9.17
C TYR C 120 3.62 -5.49 8.13
N GLU C 121 3.89 -6.71 8.52
CA GLU C 121 4.28 -7.71 7.59
C GLU C 121 3.24 -8.73 7.22
N THR C 122 2.15 -8.69 7.93
CA THR C 122 1.13 -9.69 7.67
C THR C 122 0.64 -9.78 6.21
N PRO C 123 0.77 -10.97 5.59
CA PRO C 123 0.11 -11.15 4.27
C PRO C 123 -1.40 -11.10 4.40
N ILE C 124 -2.06 -10.36 3.52
CA ILE C 124 -3.53 -10.29 3.50
C ILE C 124 -4.02 -11.05 2.26
N LEU C 125 -4.65 -12.21 2.47
CA LEU C 125 -4.97 -13.21 1.42
C LEU C 125 -6.44 -13.33 1.16
N LYS C 126 -6.84 -13.52 -0.09
CA LYS C 126 -8.24 -13.73 -0.42
C LYS C 126 -8.63 -15.17 -0.08
N TRP C 127 -9.71 -15.33 0.69
CA TRP C 127 -10.30 -16.61 0.86
C TRP C 127 -11.12 -16.99 -0.37
N GLN C 128 -10.83 -18.17 -0.95
CA GLN C 128 -11.47 -18.61 -2.17
C GLN C 128 -12.63 -19.50 -1.85
N THR C 129 -13.79 -18.87 -1.59
CA THR C 129 -14.97 -19.60 -1.17
C THR C 129 -15.38 -20.72 -2.13
N ASP C 130 -15.28 -20.47 -3.43
CA ASP C 130 -15.75 -21.47 -4.45
C ASP C 130 -14.88 -22.77 -4.46
N LYS C 131 -13.73 -22.76 -3.81
CA LYS C 131 -12.91 -23.95 -3.67
C LYS C 131 -12.87 -24.48 -2.24
N TRP C 132 -12.91 -23.56 -1.26
CA TRP C 132 -12.49 -23.95 0.07
C TRP C 132 -13.69 -23.95 1.02
N GLY C 133 -14.86 -23.63 0.48
CA GLY C 133 -16.09 -23.46 1.27
C GLY C 133 -16.13 -22.14 2.03
N GLU C 134 -17.02 -22.06 3.01
CA GLU C 134 -17.30 -20.78 3.71
C GLU C 134 -16.07 -20.38 4.51
N ILE C 135 -15.76 -19.10 4.52
CA ILE C 135 -14.70 -18.66 5.38
C ILE C 135 -15.06 -19.06 6.85
N LYS C 136 -14.06 -19.49 7.64
CA LYS C 136 -14.36 -20.01 9.01
C LYS C 136 -15.10 -19.00 9.92
N ALA C 137 -14.82 -17.69 9.80
CA ALA C 137 -15.40 -16.47 10.54
C ALA C 137 -16.78 -16.11 10.09
N ASP C 138 -17.40 -16.97 9.26
CA ASP C 138 -18.71 -16.65 8.72
C ASP C 138 -19.77 -16.70 9.81
N TYR C 139 -20.80 -15.85 9.58
CA TYR C 139 -21.99 -15.68 10.46
C TYR C 139 -23.13 -16.50 9.91
N GLY C 140 -23.92 -17.14 10.79
CA GLY C 140 -25.11 -17.91 10.37
N GLU D 8 -4.36 -3.31 -18.40
CA GLU D 8 -3.01 -3.41 -19.00
C GLU D 8 -2.19 -2.14 -18.68
N ILE D 9 -1.52 -1.61 -19.65
CA ILE D 9 -0.70 -0.43 -19.49
C ILE D 9 -1.53 0.83 -19.62
N ILE D 10 -1.26 1.77 -18.73
CA ILE D 10 -1.86 3.09 -18.80
C ILE D 10 -0.82 3.98 -19.47
N TRP D 11 -1.01 4.24 -20.78
CA TRP D 11 -0.04 5.02 -21.57
C TRP D 11 0.12 6.45 -21.10
N GLU D 12 -0.98 7.05 -20.60
CA GLU D 12 -0.94 8.42 -20.08
C GLU D 12 -0.40 8.38 -18.64
N SER D 13 0.92 8.34 -18.51
CA SER D 13 1.55 8.06 -17.21
C SER D 13 2.97 8.60 -17.29
N LEU D 14 3.63 8.60 -16.14
CA LEU D 14 5.03 8.99 -16.04
C LEU D 14 5.81 7.74 -15.67
N SER D 15 6.95 7.48 -16.34
CA SER D 15 7.77 6.37 -16.04
C SER D 15 9.07 6.90 -15.47
N VAL D 16 9.55 6.28 -14.40
CA VAL D 16 10.82 6.74 -13.81
C VAL D 16 11.83 5.64 -13.92
N ASP D 17 13.08 5.93 -14.14
CA ASP D 17 14.10 4.90 -13.99
C ASP D 17 15.46 5.46 -13.68
N VAL D 18 16.25 4.56 -13.20
CA VAL D 18 17.40 4.86 -12.42
C VAL D 18 18.50 4.09 -13.16
N GLY D 19 19.66 4.70 -13.36
CA GLY D 19 20.83 4.06 -14.01
C GLY D 19 21.84 3.93 -12.86
N SER D 20 22.37 2.72 -12.65
CA SER D 20 23.45 2.45 -11.67
C SER D 20 24.70 2.03 -12.48
N GLN D 21 25.85 2.60 -12.12
CA GLN D 21 27.12 2.15 -12.67
C GLN D 21 27.81 1.58 -11.43
N GLY D 22 27.46 0.35 -11.11
CA GLY D 22 27.87 -0.26 -9.84
C GLY D 22 26.79 -0.03 -8.78
N ASN D 23 26.61 -1.02 -7.92
CA ASN D 23 25.57 -0.96 -6.85
C ASN D 23 26.08 -1.56 -5.52
N PRO D 24 26.49 -0.72 -4.57
CA PRO D 24 26.57 0.76 -4.58
C PRO D 24 27.55 1.28 -5.63
N GLY D 25 27.21 2.44 -6.15
CA GLY D 25 28.09 3.20 -7.06
C GLY D 25 27.39 4.47 -7.50
N ILE D 26 27.72 4.94 -8.71
CA ILE D 26 27.15 6.18 -9.25
C ILE D 26 25.72 5.93 -9.67
N VAL D 27 24.80 6.82 -9.32
CA VAL D 27 23.37 6.60 -9.61
C VAL D 27 22.84 7.89 -10.23
N GLU D 28 21.94 7.77 -11.20
CA GLU D 28 21.27 8.94 -11.81
C GLU D 28 19.85 8.50 -12.07
N TYR D 29 18.98 9.43 -12.40
CA TYR D 29 17.61 9.02 -12.72
C TYR D 29 16.97 10.04 -13.61
N LYS D 30 15.84 9.65 -14.18
CA LYS D 30 15.08 10.53 -14.98
C LYS D 30 13.60 10.12 -14.99
N GLY D 31 12.72 11.04 -15.37
CA GLY D 31 11.34 10.69 -15.55
C GLY D 31 10.87 11.06 -16.90
N VAL D 32 10.11 10.17 -17.50
CA VAL D 32 9.71 10.37 -18.92
C VAL D 32 8.22 10.14 -19.15
N ASP D 33 7.63 10.83 -20.11
CA ASP D 33 6.27 10.51 -20.52
C ASP D 33 6.28 9.11 -21.12
N THR D 34 5.42 8.24 -20.59
CA THR D 34 5.39 6.81 -21.01
C THR D 34 5.12 6.59 -22.53
N LYS D 35 4.32 7.48 -23.11
CA LYS D 35 3.93 7.34 -24.49
C LYS D 35 4.94 8.04 -25.39
N THR D 36 5.29 9.24 -24.99
CA THR D 36 6.15 10.13 -25.77
C THR D 36 7.60 9.74 -25.67
N GLY D 37 8.06 9.49 -24.45
CA GLY D 37 9.50 9.39 -24.23
C GLY D 37 10.12 10.72 -23.88
N GLU D 38 9.31 11.79 -23.86
CA GLU D 38 9.83 13.13 -23.50
C GLU D 38 10.45 13.09 -22.09
N VAL D 39 11.68 13.59 -21.94
CA VAL D 39 12.35 13.69 -20.64
C VAL D 39 11.70 14.84 -19.93
N LEU D 40 11.03 14.54 -18.82
CA LEU D 40 10.28 15.54 -18.07
C LEU D 40 11.16 16.08 -16.95
N PHE D 41 12.06 15.25 -16.38
CA PHE D 41 13.07 15.73 -15.41
C PHE D 41 14.23 14.76 -15.38
N GLU D 42 15.40 15.21 -14.94
CA GLU D 42 16.55 14.32 -14.92
C GLU D 42 17.47 14.80 -13.84
N ARG D 43 18.12 13.86 -13.19
CA ARG D 43 19.08 14.11 -12.15
C ARG D 43 20.44 13.61 -12.64
N GLU D 44 21.42 14.52 -12.74
CA GLU D 44 22.83 14.13 -13.08
C GLU D 44 23.42 13.14 -12.05
N PRO D 45 24.45 12.39 -12.41
CA PRO D 45 25.00 11.34 -11.54
C PRO D 45 25.35 11.81 -10.13
N ILE D 46 24.92 11.02 -9.15
CA ILE D 46 25.36 11.21 -7.76
C ILE D 46 26.50 10.22 -7.49
N PRO D 47 27.67 10.74 -6.99
CA PRO D 47 28.78 9.77 -6.99
C PRO D 47 28.61 8.44 -6.23
N ILE D 48 27.87 8.40 -5.11
CA ILE D 48 27.72 7.11 -4.41
C ILE D 48 26.26 6.99 -3.95
N GLY D 49 25.59 5.88 -4.26
CA GLY D 49 24.22 5.63 -3.91
C GLY D 49 23.90 4.20 -4.29
N THR D 50 22.65 3.77 -4.09
CA THR D 50 22.26 2.45 -4.50
C THR D 50 21.16 2.62 -5.51
N ASN D 51 20.93 1.58 -6.32
CA ASN D 51 19.79 1.62 -7.24
C ASN D 51 18.47 1.91 -6.51
N ASN D 52 18.25 1.16 -5.40
CA ASN D 52 16.99 1.37 -4.64
C ASN D 52 16.82 2.80 -4.10
N MET D 53 17.89 3.42 -3.63
CA MET D 53 17.82 4.82 -3.18
C MET D 53 17.55 5.75 -4.33
N GLY D 54 18.21 5.47 -5.47
CA GLY D 54 17.85 6.34 -6.56
C GLY D 54 16.41 6.19 -7.10
N GLU D 55 15.86 4.98 -7.07
CA GLU D 55 14.52 4.77 -7.46
C GLU D 55 13.53 5.46 -6.45
N PHE D 56 13.89 5.39 -5.18
CA PHE D 56 13.04 6.08 -4.23
C PHE D 56 13.02 7.60 -4.55
N LEU D 57 14.20 8.20 -4.77
CA LEU D 57 14.25 9.60 -5.11
C LEU D 57 13.49 9.93 -6.39
N ALA D 58 13.62 9.05 -7.42
CA ALA D 58 12.95 9.31 -8.72
C ALA D 58 11.41 9.30 -8.54
N ILE D 59 10.91 8.35 -7.74
CA ILE D 59 9.46 8.32 -7.57
C ILE D 59 8.98 9.54 -6.81
N VAL D 60 9.72 9.94 -5.77
CA VAL D 60 9.25 11.15 -4.99
C VAL D 60 9.36 12.44 -5.87
N HIS D 61 10.45 12.50 -6.72
CA HIS D 61 10.51 13.62 -7.64
C HIS D 61 9.26 13.62 -8.57
N GLY D 62 8.87 12.43 -9.05
CA GLY D 62 7.70 12.27 -9.89
C GLY D 62 6.40 12.69 -9.19
N LEU D 63 6.33 12.35 -7.91
CA LEU D 63 5.09 12.71 -7.21
C LEU D 63 4.97 14.23 -7.09
N ARG D 64 6.12 14.90 -6.78
CA ARG D 64 6.20 16.35 -6.66
C ARG D 64 5.91 17.02 -7.96
N TYR D 65 6.49 16.44 -9.05
CA TYR D 65 6.23 16.96 -10.35
C TYR D 65 4.74 16.89 -10.73
N LEU D 66 4.08 15.74 -10.50
CA LEU D 66 2.66 15.60 -10.85
C LEU D 66 1.72 16.40 -9.94
N LYS D 67 2.12 16.54 -8.69
CA LYS D 67 1.23 17.26 -7.75
C LYS D 67 1.16 18.76 -8.11
N GLU D 68 2.35 19.32 -8.44
CA GLU D 68 2.45 20.71 -8.88
C GLU D 68 1.59 20.97 -10.17
N ARG D 69 1.26 19.92 -10.92
CA ARG D 69 0.43 20.00 -12.13
C ARG D 69 -1.00 19.51 -11.94
N ASN D 70 -1.40 19.30 -10.70
CA ASN D 70 -2.75 18.77 -10.46
C ASN D 70 -3.07 17.52 -11.27
N SER D 71 -2.04 16.72 -11.59
CA SER D 71 -2.20 15.59 -12.48
C SER D 71 -2.67 14.33 -11.72
N ARG D 72 -3.56 13.56 -12.31
CA ARG D 72 -3.96 12.28 -11.75
C ARG D 72 -3.21 11.11 -12.41
N LYS D 73 -2.24 11.41 -13.25
CA LYS D 73 -1.50 10.34 -13.93
C LYS D 73 -0.79 9.40 -12.94
N PRO D 74 -0.68 8.09 -13.27
CA PRO D 74 0.12 7.22 -12.43
C PRO D 74 1.59 7.36 -12.72
N ILE D 75 2.41 6.89 -11.78
CA ILE D 75 3.82 6.75 -11.99
C ILE D 75 4.12 5.25 -12.07
N TYR D 76 4.92 4.83 -13.08
CA TYR D 76 5.46 3.46 -13.14
C TYR D 76 6.92 3.45 -12.73
N SER D 77 7.30 2.39 -12.03
CA SER D 77 8.66 2.11 -11.62
C SER D 77 8.84 0.62 -11.78
N ASN D 78 10.05 0.20 -12.13
CA ASN D 78 10.30 -1.22 -12.10
C ASN D 78 10.88 -1.76 -10.81
N SER D 79 10.84 -0.96 -9.72
CA SER D 79 11.47 -1.38 -8.45
C SER D 79 10.41 -1.68 -7.38
N GLN D 80 10.08 -2.93 -7.17
CA GLN D 80 9.13 -3.31 -6.03
C GLN D 80 9.60 -2.68 -4.74
N THR D 81 10.92 -2.71 -4.55
CA THR D 81 11.50 -2.21 -3.24
C THR D 81 11.20 -0.73 -3.09
N ALA D 82 11.52 0.10 -4.12
CA ALA D 82 11.33 1.50 -3.98
C ALA D 82 9.87 1.85 -3.86
N ILE D 83 8.97 1.11 -4.52
CA ILE D 83 7.56 1.43 -4.43
C ILE D 83 7.14 1.16 -2.97
N LYS D 84 7.66 0.09 -2.42
CA LYS D 84 7.27 -0.30 -0.97
C LYS D 84 7.79 0.81 0.02
N TRP D 85 9.02 1.22 -0.18
CA TRP D 85 9.64 2.31 0.58
C TRP D 85 8.84 3.60 0.51
N VAL D 86 8.34 3.96 -0.67
CA VAL D 86 7.57 5.18 -0.79
C VAL D 86 6.21 4.98 -0.02
N LYS D 87 5.52 3.86 -0.24
CA LYS D 87 4.25 3.58 0.52
C LYS D 87 4.47 3.63 2.04
N ASP D 88 5.60 3.12 2.52
CA ASP D 88 5.96 3.09 4.00
C ASP D 88 6.54 4.43 4.49
N LYS D 89 6.82 5.34 3.52
CA LYS D 89 7.44 6.62 3.79
C LYS D 89 8.79 6.48 4.47
N LYS D 90 9.50 5.40 4.15
CA LYS D 90 10.77 5.10 4.80
C LYS D 90 11.65 4.23 3.90
N ALA D 91 12.79 4.79 3.57
CA ALA D 91 13.80 4.12 2.73
C ALA D 91 14.72 3.23 3.56
N LYS D 92 14.50 1.91 3.57
CA LYS D 92 15.31 0.99 4.43
C LYS D 92 16.59 0.52 3.74
N SER D 93 17.43 1.46 3.35
CA SER D 93 18.65 1.09 2.65
C SER D 93 19.69 0.69 3.67
N THR D 94 20.53 -0.25 3.27
CA THR D 94 21.67 -0.69 4.08
C THR D 94 22.93 0.15 3.83
N LEU D 95 22.86 1.10 2.90
CA LEU D 95 24.02 1.92 2.60
C LEU D 95 24.53 2.60 3.88
N VAL D 96 25.80 2.42 4.18
CA VAL D 96 26.52 3.17 5.20
C VAL D 96 26.26 4.70 5.17
N ARG D 97 25.99 5.29 6.35
CA ARG D 97 26.01 6.77 6.55
C ARG D 97 27.38 7.29 7.00
N ASN D 98 28.11 7.89 6.08
CA ASN D 98 29.34 8.57 6.43
C ASN D 98 29.59 9.75 5.49
N GLU D 99 30.80 10.24 5.44
CA GLU D 99 31.10 11.43 4.72
C GLU D 99 30.86 11.29 3.24
N GLU D 100 31.21 10.15 2.71
CA GLU D 100 31.10 9.91 1.28
C GLU D 100 29.64 9.65 0.83
N THR D 101 28.78 9.17 1.71
CA THR D 101 27.39 8.96 1.32
C THR D 101 26.48 10.04 1.86
N ALA D 102 27.03 11.13 2.40
CA ALA D 102 26.22 12.22 2.98
C ALA D 102 25.20 12.81 2.02
N LEU D 103 25.57 13.00 0.74
CA LEU D 103 24.65 13.65 -0.17
C LEU D 103 23.44 12.77 -0.44
N ILE D 104 23.63 11.51 -0.86
CA ILE D 104 22.48 10.66 -1.19
C ILE D 104 21.56 10.52 0.07
N TRP D 105 22.19 10.37 1.21
CA TRP D 105 21.36 10.24 2.46
C TRP D 105 20.60 11.55 2.77
N LYS D 106 21.22 12.71 2.51
CA LYS D 106 20.50 13.95 2.69
C LYS D 106 19.26 14.00 1.79
N LEU D 107 19.45 13.68 0.49
CA LEU D 107 18.36 13.70 -0.42
C LEU D 107 17.21 12.72 0.00
N VAL D 108 17.62 11.54 0.47
CA VAL D 108 16.63 10.47 0.81
C VAL D 108 15.89 10.97 2.10
N ASP D 109 16.61 11.53 3.05
CA ASP D 109 15.91 12.00 4.33
C ASP D 109 14.92 13.10 3.96
N GLU D 110 15.29 14.01 3.05
CA GLU D 110 14.38 15.10 2.60
C GLU D 110 13.16 14.57 1.82
N ALA D 111 13.39 13.51 1.00
CA ALA D 111 12.28 12.87 0.31
C ALA D 111 11.28 12.21 1.32
N GLU D 112 11.84 11.53 2.33
CA GLU D 112 11.01 11.01 3.49
C GLU D 112 10.27 12.10 4.14
N GLU D 113 10.92 13.25 4.41
CA GLU D 113 10.20 14.37 5.08
C GLU D 113 9.08 14.87 4.15
N TRP D 114 9.34 15.02 2.84
CA TRP D 114 8.27 15.42 1.95
C TRP D 114 7.04 14.46 2.06
N LEU D 115 7.30 13.15 2.03
CA LEU D 115 6.20 12.12 2.09
C LEU D 115 5.45 12.17 3.44
N ASN D 116 6.17 12.55 4.47
CA ASN D 116 5.50 12.69 5.83
C ASN D 116 4.68 13.93 6.01
N THR D 117 4.84 14.89 5.08
CA THR D 117 4.20 16.22 5.24
C THR D 117 3.27 16.60 4.09
N HIS D 118 3.17 15.75 3.07
CA HIS D 118 2.27 16.05 1.95
C HIS D 118 1.39 14.92 1.70
N THR D 119 0.26 15.19 1.08
CA THR D 119 -0.56 14.13 0.56
C THR D 119 -0.44 14.15 -0.97
N TYR D 120 -0.84 13.04 -1.56
CA TYR D 120 -0.86 12.88 -3.00
C TYR D 120 -1.88 11.86 -3.45
N GLU D 121 -2.35 12.02 -4.69
CA GLU D 121 -3.34 11.05 -5.26
C GLU D 121 -2.74 10.04 -6.24
N THR D 122 -1.53 10.31 -6.68
CA THR D 122 -0.88 9.53 -7.72
C THR D 122 -0.82 8.02 -7.42
N PRO D 123 -1.43 7.15 -8.30
CA PRO D 123 -1.16 5.71 -8.14
C PRO D 123 0.31 5.43 -8.47
N ILE D 124 0.98 4.60 -7.68
CA ILE D 124 2.37 4.23 -8.00
C ILE D 124 2.36 2.74 -8.31
N LEU D 125 2.78 2.40 -9.54
CA LEU D 125 2.46 1.08 -10.14
C LEU D 125 3.72 0.39 -10.59
N LYS D 126 3.77 -0.92 -10.44
CA LYS D 126 4.93 -1.69 -10.84
C LYS D 126 4.88 -1.81 -12.40
N TRP D 127 5.97 -1.47 -13.03
CA TRP D 127 6.11 -1.73 -14.48
C TRP D 127 6.48 -3.21 -14.65
N GLN D 128 5.65 -3.97 -15.37
CA GLN D 128 5.84 -5.41 -15.49
C GLN D 128 6.73 -5.76 -16.67
N THR D 129 8.05 -5.71 -16.44
CA THR D 129 9.07 -5.74 -17.52
C THR D 129 8.96 -7.05 -18.35
N ASP D 130 8.65 -8.15 -17.65
CA ASP D 130 8.52 -9.51 -18.27
C ASP D 130 7.40 -9.59 -19.33
N LYS D 131 6.36 -8.77 -19.14
CA LYS D 131 5.25 -8.71 -20.10
C LYS D 131 5.24 -7.48 -21.02
N TRP D 132 5.84 -6.37 -20.59
CA TRP D 132 5.65 -5.10 -21.31
C TRP D 132 6.90 -4.58 -21.93
N GLY D 133 7.99 -5.28 -21.76
CA GLY D 133 9.27 -4.75 -22.28
C GLY D 133 9.90 -3.80 -21.31
N GLU D 134 10.90 -3.09 -21.79
CA GLU D 134 11.71 -2.15 -21.01
C GLU D 134 10.83 -0.97 -20.53
N ILE D 135 11.06 -0.50 -19.31
CA ILE D 135 10.43 0.70 -18.90
C ILE D 135 10.94 1.80 -19.83
N LYS D 136 10.07 2.71 -20.19
CA LYS D 136 10.39 3.72 -21.26
C LYS D 136 11.69 4.57 -21.06
N ALA D 137 11.87 5.01 -19.83
CA ALA D 137 13.06 5.68 -19.36
C ALA D 137 14.15 4.76 -18.82
N ASP D 138 14.48 3.76 -19.63
CA ASP D 138 15.59 2.82 -19.35
C ASP D 138 16.97 3.10 -19.94
N TYR D 139 17.89 3.33 -19.01
CA TYR D 139 19.31 3.62 -19.37
C TYR D 139 19.96 2.40 -20.03
C1 GOL E . -14.09 -6.08 -6.87
O1 GOL E . -13.23 -5.95 -5.69
C2 GOL E . -14.81 -7.42 -6.82
O2 GOL E . -15.82 -7.43 -5.70
C3 GOL E . -15.35 -7.77 -8.23
O3 GOL E . -15.38 -6.63 -9.13
C1 GOL F . 15.31 14.19 -4.31
O1 GOL F . 16.12 15.36 -4.29
C2 GOL F . 14.03 14.35 -5.09
O2 GOL F . 13.22 13.25 -4.70
C3 GOL F . 13.40 15.67 -4.63
O3 GOL F . 12.54 16.16 -5.64
#